data_4C5P
#
_entry.id   4C5P
#
_cell.length_a   51.750
_cell.length_b   51.750
_cell.length_c   176.110
_cell.angle_alpha   90.00
_cell.angle_beta   90.00
_cell.angle_gamma   90.00
#
_symmetry.space_group_name_H-M   'P 41 21 2'
#
loop_
_entity.id
_entity.type
_entity.pdbx_description
1 polymer 'ARYLAMINE N-ACETYLTRANSFERASE'
2 non-polymer 'SULFATE ION'
3 non-polymer GLYCEROL
4 non-polymer 'AZIDE ION'
5 water water
#
_entity_poly.entity_id   1
_entity_poly.type   'polypeptide(L)'
_entity_poly.pdbx_seq_one_letter_code
;GSHMALDLTGYLDRINYRGATDPTLDVLRDLVSAHTGAIAFENLDPLMGVPVDDLSAEALADKLVDRRRGGY(CSO)YEH
NGLIGYVLAELGYRVRRLAGRVVWLAPPDAPTPAQTHTVLAVTFPGCQGPYLVDVGFGGMTPTAPLRLETGTVQQTALEP
YRLDDRGDGLVLQAMVRDEWQALYEFSTLTRPQVDLRVGSWFVSTHPTSHFVTGLMAATVADDARWNLMGRNLAIHRRGG
TEKILLEDAAAVVDTLGDRFGINVADVGERGRLEARIDKVCFGAENR
;
_entity_poly.pdbx_strand_id   A
#
# COMPACT_ATOMS: atom_id res chain seq x y z
N ASP A 7 6.46 -11.33 17.86
N ASP A 7 6.99 -10.68 15.42
CA ASP A 7 6.78 -10.18 17.03
CA ASP A 7 6.97 -9.98 16.71
C ASP A 7 5.61 -9.22 16.90
C ASP A 7 5.85 -8.95 16.66
N LEU A 8 4.47 -9.61 17.47
N LEU A 8 4.72 -9.32 17.25
CA LEU A 8 3.28 -8.78 17.39
CA LEU A 8 3.55 -8.47 17.22
C LEU A 8 3.56 -7.42 18.01
C LEU A 8 3.82 -7.20 18.00
N THR A 9 4.29 -7.39 19.13
N THR A 9 4.40 -7.34 19.19
CA THR A 9 4.58 -6.13 19.80
CA THR A 9 4.79 -6.19 19.98
C THR A 9 5.54 -5.23 19.00
C THR A 9 5.63 -5.24 19.14
N GLY A 10 6.57 -5.81 18.39
CA GLY A 10 7.46 -5.03 17.52
C GLY A 10 6.69 -4.28 16.45
N TYR A 11 5.75 -4.98 15.82
CA TYR A 11 4.93 -4.36 14.80
C TYR A 11 4.04 -3.26 15.40
N LEU A 12 3.40 -3.56 16.53
CA LEU A 12 2.49 -2.58 17.14
C LEU A 12 3.25 -1.33 17.59
N ASP A 13 4.48 -1.51 18.04
CA ASP A 13 5.32 -0.36 18.39
C ASP A 13 5.70 0.42 17.15
N ARG A 14 6.06 -0.29 16.09
CA ARG A 14 6.41 0.33 14.81
C ARG A 14 5.27 1.25 14.31
N ILE A 15 4.02 0.84 14.51
CA ILE A 15 2.91 1.64 13.96
C ILE A 15 2.28 2.55 15.01
N ASN A 16 2.93 2.62 16.17
CA ASN A 16 2.48 3.43 17.31
C ASN A 16 1.01 3.16 17.67
N TYR A 17 0.67 1.90 17.75
CA TYR A 17 -0.68 1.48 18.09
C TYR A 17 -0.80 1.25 19.60
N ARG A 18 -1.85 1.78 20.22
CA ARG A 18 -1.99 1.73 21.67
C ARG A 18 -3.18 0.90 22.20
N GLY A 19 -4.21 0.76 21.37
CA GLY A 19 -5.48 0.22 21.80
C GLY A 19 -5.58 -1.27 22.13
N ALA A 20 -6.81 -1.76 22.13
CA ALA A 20 -7.10 -3.16 22.41
C ALA A 20 -6.57 -4.03 21.27
N THR A 21 -6.51 -5.33 21.49
CA THR A 21 -6.06 -6.24 20.45
C THR A 21 -7.02 -7.39 20.19
N ASP A 22 -8.26 -7.25 20.64
CA ASP A 22 -9.30 -8.22 20.31
C ASP A 22 -9.72 -8.06 18.84
N PRO A 23 -10.17 -9.17 18.21
CA PRO A 23 -10.49 -9.08 16.78
C PRO A 23 -11.86 -8.47 16.53
N THR A 24 -11.94 -7.13 16.60
CA THR A 24 -13.19 -6.43 16.42
C THR A 24 -13.09 -5.42 15.29
N LEU A 25 -14.22 -4.85 14.94
CA LEU A 25 -14.23 -3.85 13.88
C LEU A 25 -13.45 -2.59 14.27
N ASP A 26 -13.64 -2.13 15.51
N ASP A 26 -13.62 -2.13 15.51
CA ASP A 26 -12.93 -0.96 16.02
CA ASP A 26 -12.92 -0.95 16.00
C ASP A 26 -11.41 -1.12 16.00
C ASP A 26 -11.40 -1.11 16.00
N VAL A 27 -10.93 -2.29 16.43
CA VAL A 27 -9.51 -2.60 16.38
C VAL A 27 -9.00 -2.65 14.94
N LEU A 28 -9.79 -3.22 14.04
CA LEU A 28 -9.35 -3.30 12.65
C LEU A 28 -9.21 -1.88 12.08
N ARG A 29 -10.19 -1.03 12.34
CA ARG A 29 -10.12 0.36 11.91
C ARG A 29 -8.85 1.03 12.46
N ASP A 30 -8.59 0.84 13.75
CA ASP A 30 -7.49 1.52 14.41
C ASP A 30 -6.15 0.97 13.91
N LEU A 31 -6.06 -0.34 13.69
CA LEU A 31 -4.83 -0.90 13.09
C LEU A 31 -4.55 -0.38 11.67
N VAL A 32 -5.57 -0.36 10.84
CA VAL A 32 -5.41 0.09 9.47
C VAL A 32 -4.98 1.57 9.43
N SER A 33 -5.61 2.39 10.25
N SER A 33 -5.61 2.40 10.24
CA SER A 33 -5.23 3.79 10.36
CA SER A 33 -5.19 3.81 10.36
C SER A 33 -3.78 3.97 10.86
C SER A 33 -3.75 3.92 10.81
N ALA A 34 -3.39 3.19 11.86
CA ALA A 34 -2.04 3.26 12.41
C ALA A 34 -0.97 2.82 11.41
N HIS A 35 -1.22 1.69 10.73
CA HIS A 35 -0.32 1.15 9.73
C HIS A 35 -0.10 2.16 8.61
N THR A 36 -1.19 2.69 8.07
CA THR A 36 -1.08 3.55 6.90
C THR A 36 -0.46 4.90 7.22
N GLY A 37 -0.52 5.29 8.49
CA GLY A 37 0.16 6.50 8.93
C GLY A 37 1.62 6.34 9.33
N ALA A 38 2.09 5.09 9.40
CA ALA A 38 3.38 4.81 9.99
C ALA A 38 4.36 4.21 8.98
N ILE A 39 3.87 3.31 8.13
CA ILE A 39 4.76 2.57 7.22
C ILE A 39 4.54 3.01 5.77
N ALA A 40 5.53 3.69 5.19
CA ALA A 40 5.37 4.19 3.81
C ALA A 40 5.25 3.10 2.77
N PHE A 41 4.58 3.48 1.68
CA PHE A 41 4.73 2.77 0.42
C PHE A 41 6.03 3.23 -0.21
N GLU A 42 6.86 2.29 -0.65
CA GLU A 42 8.07 2.59 -1.39
C GLU A 42 8.53 1.38 -2.16
N ASN A 43 9.26 1.65 -3.23
CA ASN A 43 9.84 0.59 -4.05
C ASN A 43 11.35 0.70 -4.17
N LEU A 44 12.05 1.12 -3.11
CA LEU A 44 13.50 1.28 -3.23
C LEU A 44 14.22 -0.04 -3.53
N ASP A 45 13.67 -1.17 -3.08
CA ASP A 45 14.33 -2.44 -3.35
C ASP A 45 14.31 -2.72 -4.87
N PRO A 46 13.13 -2.81 -5.47
CA PRO A 46 13.12 -3.05 -6.93
C PRO A 46 13.89 -2.01 -7.76
N LEU A 47 13.83 -0.74 -7.33
CA LEU A 47 14.53 0.33 -8.01
C LEU A 47 16.02 0.04 -8.05
N MET A 48 16.52 -0.51 -6.96
CA MET A 48 17.94 -0.80 -6.81
C MET A 48 18.33 -2.20 -7.26
N GLY A 49 17.39 -2.93 -7.87
CA GLY A 49 17.67 -4.26 -8.36
C GLY A 49 17.58 -5.37 -7.32
N VAL A 50 16.86 -5.12 -6.24
CA VAL A 50 16.66 -6.11 -5.20
C VAL A 50 15.22 -6.60 -5.30
N PRO A 51 15.01 -7.86 -5.73
CA PRO A 51 13.64 -8.30 -5.92
C PRO A 51 12.90 -8.38 -4.59
N VAL A 52 11.57 -8.42 -4.65
CA VAL A 52 10.71 -8.72 -3.50
C VAL A 52 10.18 -10.10 -3.77
N ASP A 53 10.85 -11.07 -3.18
CA ASP A 53 10.63 -12.48 -3.48
C ASP A 53 10.16 -13.28 -2.26
N ASP A 54 10.62 -12.86 -1.09
CA ASP A 54 10.33 -13.58 0.17
C ASP A 54 9.23 -12.88 0.92
N LEU A 55 8.03 -13.46 0.85
CA LEU A 55 6.84 -12.85 1.40
C LEU A 55 6.48 -13.49 2.76
N SER A 56 7.42 -14.19 3.36
CA SER A 56 7.20 -14.82 4.67
C SER A 56 7.04 -13.75 5.73
N ALA A 57 6.36 -14.09 6.82
CA ALA A 57 6.14 -13.17 7.95
C ALA A 57 7.46 -12.66 8.45
N GLU A 58 8.42 -13.56 8.61
CA GLU A 58 9.72 -13.21 9.17
C GLU A 58 10.50 -12.22 8.29
N ALA A 59 10.48 -12.40 6.97
CA ALA A 59 11.23 -11.52 6.09
C ALA A 59 10.54 -10.16 6.04
N LEU A 60 9.21 -10.16 6.01
CA LEU A 60 8.49 -8.90 5.89
C LEU A 60 8.59 -8.09 7.16
N ALA A 61 8.51 -8.76 8.31
CA ALA A 61 8.72 -8.09 9.59
C ALA A 61 10.15 -7.56 9.71
N ASP A 62 11.14 -8.34 9.32
CA ASP A 62 12.52 -7.87 9.43
C ASP A 62 12.65 -6.55 8.66
N LYS A 63 12.10 -6.50 7.45
CA LYS A 63 12.25 -5.29 6.64
C LYS A 63 11.36 -4.12 7.08
N LEU A 64 10.06 -4.37 7.14
CA LEU A 64 9.10 -3.27 7.38
C LEU A 64 9.02 -2.86 8.84
N VAL A 65 9.36 -3.75 9.74
CA VAL A 65 9.38 -3.41 11.18
C VAL A 65 10.81 -3.15 11.68
N ASP A 66 11.66 -4.17 11.74
CA ASP A 66 12.94 -4.01 12.39
C ASP A 66 13.88 -3.01 11.70
N ARG A 67 13.87 -3.01 10.37
CA ARG A 67 14.75 -2.15 9.58
C ARG A 67 14.12 -0.79 9.17
N ARG A 68 12.90 -0.54 9.64
CA ARG A 68 12.20 0.72 9.40
C ARG A 68 12.18 1.13 7.93
N ARG A 69 11.94 0.13 7.08
CA ARG A 69 11.69 0.36 5.67
C ARG A 69 10.18 0.35 5.41
N GLY A 70 9.80 0.83 4.23
CA GLY A 70 8.45 0.60 3.72
C GLY A 70 8.46 -0.52 2.71
N GLY A 71 7.41 -0.63 1.91
CA GLY A 71 7.34 -1.64 0.88
C GLY A 71 6.18 -1.36 -0.02
N TYR A 72 5.91 -2.30 -0.92
CA TYR A 72 4.77 -2.20 -1.83
C TYR A 72 3.66 -3.21 -1.49
N TYR A 74 2.52 -6.32 -1.92
CA TYR A 74 2.72 -7.65 -1.37
C TYR A 74 3.35 -7.60 0.02
N GLU A 75 4.20 -6.61 0.27
CA GLU A 75 4.85 -6.48 1.56
C GLU A 75 3.87 -5.96 2.62
N HIS A 76 3.18 -4.87 2.29
CA HIS A 76 2.19 -4.30 3.19
C HIS A 76 1.07 -5.25 3.56
N ASN A 77 0.38 -5.77 2.54
CA ASN A 77 -0.74 -6.66 2.79
C ASN A 77 -0.28 -8.02 3.24
N GLY A 78 0.93 -8.44 2.83
CA GLY A 78 1.58 -9.58 3.47
C GLY A 78 1.65 -9.42 4.99
N LEU A 79 2.35 -8.38 5.43
CA LEU A 79 2.59 -8.16 6.85
C LEU A 79 1.30 -7.97 7.68
N ILE A 80 0.41 -7.09 7.23
CA ILE A 80 -0.80 -6.86 8.04
C ILE A 80 -1.67 -8.10 8.06
N GLY A 81 -1.63 -8.87 6.98
CA GLY A 81 -2.37 -10.12 6.93
C GLY A 81 -1.91 -11.10 8.00
N TYR A 82 -0.59 -11.20 8.16
CA TYR A 82 -0.05 -12.08 9.19
C TYR A 82 -0.42 -11.60 10.58
N VAL A 83 -0.34 -10.29 10.79
CA VAL A 83 -0.71 -9.70 12.07
C VAL A 83 -2.18 -9.97 12.41
N LEU A 84 -3.06 -9.71 11.45
CA LEU A 84 -4.48 -9.88 11.68
C LEU A 84 -4.82 -11.34 12.03
N ALA A 85 -4.21 -12.27 11.32
CA ALA A 85 -4.45 -13.70 11.58
C ALA A 85 -3.99 -14.06 12.98
N GLU A 86 -2.85 -13.53 13.39
CA GLU A 86 -2.35 -13.78 14.74
C GLU A 86 -3.32 -13.26 15.81
N LEU A 87 -3.98 -12.15 15.52
CA LEU A 87 -4.95 -11.55 16.44
C LEU A 87 -6.31 -12.25 16.47
N GLY A 88 -6.54 -13.16 15.52
CA GLY A 88 -7.80 -13.89 15.49
C GLY A 88 -8.76 -13.51 14.40
N TYR A 89 -8.35 -12.65 13.48
CA TYR A 89 -9.18 -12.39 12.32
C TYR A 89 -8.98 -13.56 11.38
N ARG A 90 -9.96 -13.83 10.53
CA ARG A 90 -9.76 -14.71 9.38
C ARG A 90 -9.39 -13.89 8.17
N VAL A 91 -8.31 -14.27 7.51
CA VAL A 91 -7.77 -13.50 6.40
C VAL A 91 -7.68 -14.37 5.17
N ARG A 92 -8.23 -13.87 4.06
CA ARG A 92 -8.05 -14.52 2.76
C ARG A 92 -7.31 -13.54 1.86
N ARG A 93 -6.26 -14.05 1.19
CA ARG A 93 -5.47 -13.21 0.29
C ARG A 93 -6.00 -13.31 -1.13
N LEU A 94 -6.21 -12.13 -1.72
CA LEU A 94 -6.80 -12.00 -3.04
C LEU A 94 -5.79 -11.34 -4.00
N ALA A 95 -6.00 -11.53 -5.30
CA ALA A 95 -5.17 -10.89 -6.34
C ALA A 95 -6.05 -9.95 -7.20
N GLY A 96 -5.42 -8.92 -7.72
CA GLY A 96 -6.12 -7.92 -8.52
C GLY A 96 -5.23 -7.32 -9.60
N ARG A 97 -5.86 -6.58 -10.51
CA ARG A 97 -5.21 -5.91 -11.66
C ARG A 97 -5.39 -4.42 -11.47
N VAL A 98 -4.30 -3.67 -11.62
CA VAL A 98 -4.37 -2.22 -11.39
C VAL A 98 -4.82 -1.51 -12.66
N VAL A 99 -5.86 -0.68 -12.51
CA VAL A 99 -6.45 0.03 -13.64
C VAL A 99 -6.52 1.54 -13.43
N TRP A 100 -5.79 2.03 -12.44
CA TRP A 100 -5.82 3.45 -12.08
C TRP A 100 -5.50 4.37 -13.25
N LEU A 101 -6.44 5.25 -13.55
CA LEU A 101 -6.38 6.23 -14.66
C LEU A 101 -6.56 5.64 -16.04
N ALA A 102 -6.72 4.32 -16.12
CA ALA A 102 -6.88 3.68 -17.41
C ALA A 102 -8.29 3.79 -17.93
N PRO A 103 -8.42 4.00 -19.25
CA PRO A 103 -9.77 3.99 -19.82
C PRO A 103 -10.31 2.56 -19.87
N PRO A 104 -11.64 2.41 -20.08
CA PRO A 104 -12.22 1.07 -20.06
C PRO A 104 -11.73 0.17 -21.19
N ASP A 105 -11.15 0.72 -22.26
CA ASP A 105 -10.63 -0.09 -23.37
C ASP A 105 -9.12 -0.37 -23.27
N ALA A 106 -8.51 -0.09 -22.12
CA ALA A 106 -7.09 -0.32 -21.90
C ALA A 106 -6.78 -1.81 -21.93
N PRO A 107 -5.50 -2.15 -22.20
CA PRO A 107 -5.10 -3.56 -22.18
C PRO A 107 -5.29 -4.17 -20.81
N THR A 108 -5.52 -5.48 -20.78
CA THR A 108 -5.64 -6.16 -19.51
C THR A 108 -4.32 -6.06 -18.75
N PRO A 109 -4.35 -5.54 -17.50
CA PRO A 109 -3.10 -5.43 -16.76
C PRO A 109 -2.70 -6.77 -16.16
N ALA A 110 -1.43 -6.92 -15.85
CA ALA A 110 -1.00 -8.08 -15.05
C ALA A 110 -1.73 -8.10 -13.70
N GLN A 111 -1.86 -9.30 -13.12
CA GLN A 111 -2.59 -9.44 -11.87
C GLN A 111 -1.63 -9.32 -10.69
N THR A 112 -1.11 -8.11 -10.48
CA THR A 112 0.02 -7.88 -9.59
C THR A 112 -0.25 -6.93 -8.43
N HIS A 113 -1.51 -6.84 -8.05
CA HIS A 113 -1.87 -6.28 -6.76
C HIS A 113 -2.42 -7.41 -5.89
N THR A 114 -2.34 -7.21 -4.58
CA THR A 114 -2.93 -8.18 -3.65
C THR A 114 -3.60 -7.39 -2.53
N VAL A 115 -4.78 -7.88 -2.12
CA VAL A 115 -5.60 -7.27 -1.05
C VAL A 115 -6.17 -8.39 -0.18
N LEU A 116 -6.83 -8.02 0.91
CA LEU A 116 -7.29 -9.01 1.86
C LEU A 116 -8.79 -8.94 2.03
N ALA A 117 -9.43 -10.11 2.19
CA ALA A 117 -10.80 -10.19 2.70
C ALA A 117 -10.75 -10.67 4.12
N VAL A 118 -11.32 -9.90 5.03
CA VAL A 118 -11.12 -10.12 6.44
C VAL A 118 -12.48 -10.31 7.12
N THR A 119 -12.58 -11.34 7.97
CA THR A 119 -13.76 -11.52 8.83
C THR A 119 -13.31 -11.69 10.27
N PHE A 120 -14.27 -11.58 11.19
CA PHE A 120 -13.98 -11.66 12.62
C PHE A 120 -15.26 -11.93 13.38
N PRO A 121 -15.13 -12.35 14.64
CA PRO A 121 -16.36 -12.68 15.38
C PRO A 121 -17.35 -11.50 15.40
N GLY A 122 -18.59 -11.73 14.95
CA GLY A 122 -19.59 -10.68 14.95
C GLY A 122 -19.57 -9.69 13.79
N CYS A 123 -18.72 -9.90 12.79
CA CYS A 123 -18.65 -9.01 11.64
C CYS A 123 -19.98 -9.13 10.89
N GLN A 124 -20.49 -8.05 10.31
CA GLN A 124 -21.78 -8.17 9.61
C GLN A 124 -21.56 -8.78 8.22
N GLY A 125 -20.30 -9.10 7.92
CA GLY A 125 -19.90 -9.53 6.60
C GLY A 125 -18.41 -9.27 6.50
N PRO A 126 -17.79 -9.65 5.37
CA PRO A 126 -16.35 -9.45 5.17
C PRO A 126 -15.99 -8.00 4.90
N TYR A 127 -14.74 -7.68 5.23
CA TYR A 127 -14.15 -6.38 4.94
C TYR A 127 -12.97 -6.52 4.02
N LEU A 128 -12.84 -5.56 3.11
CA LEU A 128 -11.65 -5.39 2.28
C LEU A 128 -10.62 -4.60 3.08
N VAL A 129 -9.40 -5.13 3.19
CA VAL A 129 -8.31 -4.40 3.79
C VAL A 129 -7.23 -4.31 2.74
N ASP A 130 -6.77 -3.09 2.50
CA ASP A 130 -5.69 -2.84 1.55
C ASP A 130 -4.89 -1.66 2.07
N VAL A 131 -3.73 -1.96 2.63
CA VAL A 131 -2.82 -0.92 3.09
C VAL A 131 -1.59 -0.79 2.21
N GLY A 132 -1.66 -1.41 1.03
CA GLY A 132 -0.53 -1.52 0.14
C GLY A 132 -0.66 -0.92 -1.26
N PHE A 133 -1.73 -0.16 -1.51
N PHE A 133 -1.73 -0.15 -1.52
CA PHE A 133 -1.98 0.42 -2.82
CA PHE A 133 -1.90 0.50 -2.81
C PHE A 133 -1.51 1.86 -2.90
C PHE A 133 -1.37 1.94 -2.81
N GLY A 134 -0.20 2.03 -3.03
N GLY A 134 -0.47 2.22 -1.88
CA GLY A 134 0.42 3.34 -2.90
CA GLY A 134 0.24 3.48 -1.85
C GLY A 134 -0.14 4.42 -3.79
C GLY A 134 -0.60 4.72 -1.95
N GLY A 135 -0.43 5.56 -3.16
N GLY A 135 -0.49 5.36 -3.11
CA GLY A 135 -1.00 6.70 -3.84
CA GLY A 135 -0.97 6.70 -3.31
C GLY A 135 -2.44 6.93 -3.44
C GLY A 135 -2.44 6.87 -3.01
N MET A 136 -3.18 5.84 -3.22
N MET A 136 -3.21 5.80 -3.20
CA MET A 136 -4.63 5.89 -3.04
CA MET A 136 -4.64 5.87 -2.96
C MET A 136 -5.18 4.80 -2.16
C MET A 136 -5.12 4.65 -2.21
N THR A 137 -4.34 4.26 -1.28
N THR A 137 -4.31 4.16 -1.27
CA THR A 137 -4.74 3.08 -0.49
CA THR A 137 -4.77 3.04 -0.45
C THR A 137 -5.80 3.48 0.55
C THR A 137 -5.89 3.55 0.43
N PRO A 138 -6.92 2.73 0.63
CA PRO A 138 -7.91 3.08 1.64
C PRO A 138 -7.34 2.96 3.07
N THR A 139 -7.55 3.98 3.89
CA THR A 139 -7.00 4.01 5.24
C THR A 139 -8.01 3.56 6.26
N ALA A 140 -9.02 2.83 5.78
CA ALA A 140 -9.98 2.15 6.63
C ALA A 140 -10.29 0.81 5.99
N PRO A 141 -10.69 -0.18 6.78
CA PRO A 141 -11.32 -1.37 6.20
C PRO A 141 -12.62 -0.94 5.54
N LEU A 142 -12.93 -1.54 4.40
CA LEU A 142 -14.15 -1.23 3.70
C LEU A 142 -15.08 -2.44 3.69
N ARG A 143 -16.38 -2.20 3.87
CA ARG A 143 -17.35 -3.29 3.76
C ARG A 143 -17.22 -3.89 2.35
N LEU A 144 -17.09 -5.21 2.26
CA LEU A 144 -17.01 -5.90 0.98
CA LEU A 144 -17.01 -5.89 0.97
C LEU A 144 -18.40 -6.06 0.39
N GLU A 145 -18.93 -4.95 -0.11
CA GLU A 145 -20.30 -4.92 -0.55
C GLU A 145 -20.38 -3.85 -1.63
N THR A 146 -21.21 -4.12 -2.62
CA THR A 146 -21.27 -3.25 -3.77
C THR A 146 -22.31 -2.15 -3.58
N GLY A 147 -22.09 -1.03 -4.27
CA GLY A 147 -23.03 0.06 -4.33
C GLY A 147 -22.80 1.13 -3.29
N THR A 148 -22.54 0.68 -2.06
CA THR A 148 -22.38 1.57 -0.91
C THR A 148 -21.24 2.57 -1.12
N VAL A 149 -21.52 3.84 -0.87
CA VAL A 149 -20.45 4.84 -0.83
C VAL A 149 -19.88 4.90 0.60
N GLN A 150 -18.57 4.71 0.71
CA GLN A 150 -17.92 4.51 1.99
C GLN A 150 -16.87 5.59 2.19
N GLN A 151 -17.24 6.61 2.96
CA GLN A 151 -16.39 7.75 3.22
C GLN A 151 -15.29 7.34 4.21
N THR A 152 -14.06 7.66 3.89
CA THR A 152 -12.95 7.43 4.81
C THR A 152 -12.45 8.77 5.38
N ALA A 153 -11.30 8.73 6.06
CA ALA A 153 -10.71 9.97 6.60
C ALA A 153 -10.23 10.81 5.45
N LEU A 154 -10.10 10.19 4.28
CA LEU A 154 -9.63 10.89 3.09
C LEU A 154 -10.72 10.84 2.01
N GLU A 155 -10.54 10.06 0.97
CA GLU A 155 -11.52 9.98 -0.10
C GLU A 155 -12.70 9.06 0.23
N PRO A 156 -13.82 9.24 -0.44
CA PRO A 156 -14.84 8.18 -0.45
C PRO A 156 -14.52 7.07 -1.43
N TYR A 157 -14.88 5.84 -1.07
CA TYR A 157 -14.65 4.67 -1.91
C TYR A 157 -15.95 3.95 -2.20
N ARG A 158 -15.96 3.15 -3.25
CA ARG A 158 -17.13 2.35 -3.62
C ARG A 158 -16.66 1.12 -4.37
N LEU A 159 -17.26 -0.03 -4.06
CA LEU A 159 -17.01 -1.27 -4.80
C LEU A 159 -18.17 -1.49 -5.75
N ASP A 160 -17.90 -1.99 -6.95
CA ASP A 160 -18.94 -2.41 -7.86
C ASP A 160 -18.62 -3.74 -8.51
N ASP A 161 -19.66 -4.43 -8.97
CA ASP A 161 -19.45 -5.67 -9.72
C ASP A 161 -18.83 -5.38 -11.08
N ARG A 162 -17.85 -6.19 -11.46
CA ARG A 162 -17.28 -6.12 -12.80
C ARG A 162 -16.86 -7.53 -13.20
N GLY A 163 -17.44 -8.03 -14.28
CA GLY A 163 -17.14 -9.39 -14.70
C GLY A 163 -17.45 -10.37 -13.58
N ASP A 164 -16.54 -11.31 -13.37
CA ASP A 164 -16.68 -12.28 -12.29
C ASP A 164 -15.90 -11.83 -11.06
N GLY A 165 -15.78 -10.51 -10.88
CA GLY A 165 -15.11 -9.93 -9.74
C GLY A 165 -15.63 -8.55 -9.38
N LEU A 166 -14.79 -7.78 -8.71
CA LEU A 166 -15.18 -6.46 -8.21
C LEU A 166 -14.19 -5.42 -8.70
N VAL A 167 -14.61 -4.16 -8.67
CA VAL A 167 -13.69 -3.07 -8.93
C VAL A 167 -13.81 -2.07 -7.78
N LEU A 168 -12.68 -1.65 -7.25
CA LEU A 168 -12.68 -0.61 -6.20
C LEU A 168 -12.48 0.73 -6.89
N GLN A 169 -13.34 1.68 -6.54
CA GLN A 169 -13.29 3.03 -7.05
CA GLN A 169 -13.29 3.03 -7.05
C GLN A 169 -13.15 4.01 -5.91
N ALA A 170 -12.57 5.17 -6.18
CA ALA A 170 -12.52 6.26 -5.21
C ALA A 170 -12.80 7.57 -5.93
N MET A 171 -13.39 8.54 -5.24
CA MET A 171 -13.57 9.88 -5.83
C MET A 171 -12.30 10.66 -5.55
N VAL A 172 -11.52 10.90 -6.61
CA VAL A 172 -10.21 11.53 -6.46
C VAL A 172 -10.29 12.94 -7.02
N ARG A 173 -10.02 13.91 -6.15
CA ARG A 173 -10.41 15.27 -6.42
C ARG A 173 -11.91 15.20 -6.63
N ASP A 174 -12.34 15.37 -7.89
CA ASP A 174 -13.76 15.47 -8.20
C ASP A 174 -14.26 14.46 -9.24
N GLU A 175 -13.52 13.37 -9.42
CA GLU A 175 -13.93 12.32 -10.38
C GLU A 175 -13.81 10.92 -9.76
N TRP A 176 -14.83 10.11 -9.93
CA TRP A 176 -14.76 8.70 -9.52
C TRP A 176 -13.81 7.99 -10.48
N GLN A 177 -12.82 7.35 -9.88
CA GLN A 177 -11.73 6.68 -10.61
C GLN A 177 -11.65 5.24 -10.16
N ALA A 178 -11.64 4.31 -11.11
CA ALA A 178 -11.40 2.92 -10.80
C ALA A 178 -9.94 2.77 -10.44
N LEU A 179 -9.68 2.09 -9.35
CA LEU A 179 -8.33 1.84 -8.89
C LEU A 179 -7.79 0.47 -9.32
N TYR A 180 -8.52 -0.59 -8.99
CA TYR A 180 -8.11 -1.93 -9.34
C TYR A 180 -9.30 -2.84 -9.39
N GLU A 181 -9.17 -3.93 -10.14
CA GLU A 181 -10.24 -4.93 -10.24
C GLU A 181 -9.69 -6.16 -9.59
N PHE A 182 -10.54 -6.91 -8.87
CA PHE A 182 -10.03 -8.10 -8.20
C PHE A 182 -11.07 -9.19 -8.12
N SER A 183 -10.57 -10.42 -8.06
CA SER A 183 -11.41 -11.57 -7.82
C SER A 183 -11.51 -11.83 -6.31
N THR A 184 -12.66 -12.34 -5.86
CA THR A 184 -12.84 -12.63 -4.46
C THR A 184 -12.39 -14.07 -4.14
N LEU A 185 -11.79 -14.74 -5.11
CA LEU A 185 -11.26 -16.09 -4.85
C LEU A 185 -9.93 -16.04 -4.10
N THR A 186 -9.78 -16.85 -3.06
CA THR A 186 -8.49 -16.96 -2.39
C THR A 186 -7.42 -17.43 -3.39
N ARG A 187 -6.27 -16.78 -3.34
CA ARG A 187 -5.11 -17.23 -4.12
C ARG A 187 -4.01 -17.78 -3.21
N PRO A 188 -3.36 -18.87 -3.64
CA PRO A 188 -2.28 -19.43 -2.84
C PRO A 188 -1.09 -18.49 -2.80
N GLN A 189 -0.32 -18.61 -1.73
CA GLN A 189 0.83 -17.81 -1.52
C GLN A 189 1.78 -17.84 -2.75
N VAL A 190 1.94 -19.01 -3.37
CA VAL A 190 2.87 -19.12 -4.48
C VAL A 190 2.48 -18.19 -5.64
N ASP A 191 1.19 -18.00 -5.85
CA ASP A 191 0.72 -17.14 -6.93
C ASP A 191 1.07 -15.69 -6.61
N LEU A 192 1.00 -15.31 -5.34
CA LEU A 192 1.43 -13.97 -4.92
C LEU A 192 2.94 -13.77 -5.13
N ARG A 193 3.72 -14.80 -4.82
CA ARG A 193 5.15 -14.73 -5.05
C ARG A 193 5.47 -14.55 -6.54
N VAL A 194 4.78 -15.28 -7.40
CA VAL A 194 4.98 -15.11 -8.84
C VAL A 194 4.67 -13.67 -9.27
N GLY A 195 3.60 -13.11 -8.75
CA GLY A 195 3.23 -11.74 -9.08
C GLY A 195 4.26 -10.75 -8.58
N SER A 196 4.71 -10.91 -7.34
CA SER A 196 5.68 -10.01 -6.75
C SER A 196 7.01 -10.08 -7.51
N TRP A 197 7.40 -11.29 -7.90
CA TRP A 197 8.62 -11.44 -8.72
C TRP A 197 8.50 -10.58 -9.98
N PHE A 198 7.37 -10.69 -10.70
CA PHE A 198 7.20 -9.93 -11.91
C PHE A 198 7.31 -8.41 -11.66
N VAL A 199 6.56 -7.91 -10.70
CA VAL A 199 6.50 -6.47 -10.51
CA VAL A 199 6.50 -6.48 -10.50
C VAL A 199 7.80 -5.92 -9.91
N SER A 200 8.57 -6.76 -9.20
CA SER A 200 9.86 -6.32 -8.68
C SER A 200 11.07 -6.58 -9.58
N THR A 201 10.89 -7.30 -10.70
CA THR A 201 12.03 -7.59 -11.56
C THR A 201 11.82 -7.36 -13.06
N HIS A 202 10.58 -7.26 -13.52
CA HIS A 202 10.36 -7.16 -14.96
C HIS A 202 10.81 -5.80 -15.46
N PRO A 203 11.57 -5.76 -16.57
CA PRO A 203 12.08 -4.45 -17.02
C PRO A 203 11.00 -3.44 -17.38
N THR A 204 9.77 -3.89 -17.61
CA THR A 204 8.64 -2.99 -17.90
C THR A 204 7.86 -2.54 -16.68
N SER A 205 8.15 -3.12 -15.53
CA SER A 205 7.41 -2.77 -14.33
C SER A 205 7.62 -1.32 -13.91
N HIS A 206 6.53 -0.63 -13.63
CA HIS A 206 6.62 0.74 -13.14
C HIS A 206 7.40 0.81 -11.82
N PHE A 207 7.51 -0.32 -11.11
CA PHE A 207 8.27 -0.34 -9.85
C PHE A 207 9.74 -0.64 -10.05
N VAL A 208 10.14 -0.94 -11.29
CA VAL A 208 11.53 -1.12 -11.63
C VAL A 208 12.11 0.11 -12.35
N THR A 209 11.26 0.76 -13.15
CA THR A 209 11.68 1.86 -14.02
C THR A 209 11.61 3.23 -13.39
N GLY A 210 10.94 3.36 -12.24
CA GLY A 210 10.80 4.65 -11.61
C GLY A 210 10.74 4.52 -10.10
N LEU A 211 10.76 5.68 -9.43
CA LEU A 211 10.58 5.75 -7.98
C LEU A 211 9.16 6.12 -7.61
N MET A 212 8.61 5.41 -6.62
CA MET A 212 7.28 5.69 -6.11
C MET A 212 7.30 5.56 -4.61
N ALA A 213 6.81 6.59 -3.93
CA ALA A 213 6.60 6.51 -2.51
C ALA A 213 5.30 7.18 -2.12
N ALA A 214 4.71 6.73 -1.02
CA ALA A 214 3.46 7.32 -0.57
C ALA A 214 3.30 7.14 0.94
N THR A 215 2.66 8.13 1.55
CA THR A 215 2.26 8.02 2.94
C THR A 215 1.10 8.95 3.22
N VAL A 216 0.66 8.95 4.47
CA VAL A 216 -0.47 9.75 4.88
C VAL A 216 -0.05 10.44 6.15
N ALA A 217 -0.33 11.73 6.22
CA ALA A 217 0.00 12.53 7.40
C ALA A 217 -0.92 13.75 7.49
N ASP A 218 -1.44 14.06 8.68
CA ASP A 218 -2.29 15.26 8.88
C ASP A 218 -3.41 15.45 7.85
N ASP A 219 -4.22 14.41 7.65
CA ASP A 219 -5.36 14.47 6.72
C ASP A 219 -4.90 14.66 5.27
N ALA A 220 -3.63 14.37 4.99
CA ALA A 220 -3.08 14.55 3.64
C ALA A 220 -2.35 13.34 3.10
N ARG A 221 -2.46 13.14 1.79
CA ARG A 221 -1.65 12.17 1.09
C ARG A 221 -0.39 12.83 0.59
N TRP A 222 0.74 12.24 0.92
CA TRP A 222 2.04 12.65 0.40
C TRP A 222 2.48 11.60 -0.60
N ASN A 223 2.49 11.99 -1.87
CA ASN A 223 2.76 11.06 -2.96
C ASN A 223 3.97 11.53 -3.75
N LEU A 224 4.93 10.63 -3.92
CA LEU A 224 6.16 10.94 -4.66
C LEU A 224 6.27 10.07 -5.89
N MET A 225 6.29 10.68 -7.07
N MET A 225 6.42 10.71 -7.03
CA MET A 225 6.60 9.98 -8.31
CA MET A 225 6.63 10.03 -8.29
C MET A 225 7.88 10.56 -8.85
C MET A 225 7.90 10.57 -8.89
N GLY A 226 8.97 9.82 -8.73
CA GLY A 226 10.29 10.31 -9.12
C GLY A 226 10.66 11.55 -8.29
N ARG A 227 10.95 12.65 -8.98
CA ARG A 227 11.29 13.90 -8.31
C ARG A 227 10.04 14.76 -8.07
N ASN A 228 8.87 14.23 -8.42
CA ASN A 228 7.62 14.99 -8.34
C ASN A 228 6.86 14.69 -7.06
N LEU A 229 6.91 15.62 -6.10
CA LEU A 229 6.20 15.43 -4.84
C LEU A 229 4.86 16.16 -4.91
N ALA A 230 3.82 15.48 -4.45
CA ALA A 230 2.47 16.09 -4.36
C ALA A 230 1.91 15.84 -2.97
N ILE A 231 1.35 16.89 -2.39
CA ILE A 231 0.74 16.81 -1.09
C ILE A 231 -0.72 17.14 -1.27
N HIS A 232 -1.57 16.12 -1.20
CA HIS A 232 -2.99 16.28 -1.45
C HIS A 232 -3.70 16.51 -0.12
N ARG A 233 -4.04 17.75 0.16
CA ARG A 233 -4.72 18.11 1.39
C ARG A 233 -6.22 18.24 1.14
N ARG A 234 -7.01 18.41 2.19
N ARG A 234 -6.99 18.39 2.22
CA ARG A 234 -8.44 18.57 2.02
CA ARG A 234 -8.42 18.60 2.09
C ARG A 234 -8.78 19.85 1.26
C ARG A 234 -8.71 19.81 1.20
N GLY A 235 -7.99 20.90 1.48
CA GLY A 235 -8.22 22.16 0.78
C GLY A 235 -7.71 22.21 -0.66
N GLY A 236 -6.78 21.33 -1.01
CA GLY A 236 -6.17 21.35 -2.33
C GLY A 236 -4.84 20.59 -2.36
N THR A 237 -4.14 20.71 -3.49
CA THR A 237 -2.89 19.96 -3.73
C THR A 237 -1.72 20.88 -3.94
N GLU A 238 -0.64 20.62 -3.21
CA GLU A 238 0.61 21.35 -3.39
C GLU A 238 1.59 20.47 -4.12
N LYS A 239 2.22 21.01 -5.15
CA LYS A 239 3.17 20.27 -5.97
C LYS A 239 4.54 20.89 -5.87
N ILE A 240 5.52 20.01 -5.66
CA ILE A 240 6.89 20.42 -5.46
C ILE A 240 7.77 19.60 -6.36
N LEU A 241 8.64 20.28 -7.11
CA LEU A 241 9.64 19.65 -7.95
C LEU A 241 10.94 19.59 -7.16
N LEU A 242 11.34 18.40 -6.76
CA LEU A 242 12.59 18.27 -6.01
C LEU A 242 13.80 18.51 -6.90
N GLU A 243 14.79 19.21 -6.34
CA GLU A 243 15.87 19.81 -7.13
C GLU A 243 16.91 18.82 -7.64
N ASP A 244 17.17 17.78 -6.88
CA ASP A 244 18.22 16.82 -7.22
C ASP A 244 18.04 15.52 -6.45
N ALA A 245 18.85 14.52 -6.78
CA ALA A 245 18.70 13.19 -6.17
C ALA A 245 18.89 13.23 -4.66
N ALA A 246 19.80 14.09 -4.20
CA ALA A 246 20.01 14.26 -2.78
C ALA A 246 18.74 14.72 -2.07
N ALA A 247 18.03 15.66 -2.69
CA ALA A 247 16.77 16.15 -2.11
C ALA A 247 15.70 15.05 -2.08
N VAL A 248 15.70 14.21 -3.09
CA VAL A 248 14.78 13.07 -3.11
C VAL A 248 15.08 12.12 -1.98
N VAL A 249 16.36 11.77 -1.78
CA VAL A 249 16.71 10.88 -0.67
C VAL A 249 16.39 11.48 0.72
N ASP A 250 16.65 12.78 0.86
CA ASP A 250 16.34 13.50 2.11
C ASP A 250 14.84 13.44 2.34
N THR A 251 14.04 13.57 1.28
CA THR A 251 12.60 13.55 1.40
C THR A 251 12.11 12.16 1.79
N LEU A 252 12.68 11.12 1.18
CA LEU A 252 12.32 9.76 1.55
C LEU A 252 12.60 9.49 3.03
N GLY A 253 13.69 10.01 3.56
CA GLY A 253 14.01 9.78 4.95
C GLY A 253 13.20 10.65 5.88
N ASP A 254 13.07 11.92 5.53
CA ASP A 254 12.49 12.92 6.44
C ASP A 254 10.99 12.98 6.42
N ARG A 255 10.39 12.92 5.23
CA ARG A 255 8.94 13.00 5.11
C ARG A 255 8.26 11.64 5.02
N PHE A 256 8.97 10.63 4.51
CA PHE A 256 8.36 9.32 4.34
C PHE A 256 8.82 8.32 5.42
N GLY A 257 9.77 8.74 6.25
CA GLY A 257 10.14 7.97 7.42
C GLY A 257 10.88 6.71 7.06
N ILE A 258 11.50 6.69 5.88
CA ILE A 258 12.20 5.48 5.43
C ILE A 258 13.65 5.49 5.88
N ASN A 259 14.12 4.37 6.43
CA ASN A 259 15.51 4.20 6.79
C ASN A 259 16.34 3.96 5.51
N VAL A 260 16.65 5.04 4.80
CA VAL A 260 17.32 4.92 3.49
C VAL A 260 18.73 4.36 3.60
N ALA A 261 19.31 4.44 4.78
CA ALA A 261 20.64 3.87 5.03
C ALA A 261 20.61 2.35 4.84
N ASP A 262 19.45 1.73 5.06
CA ASP A 262 19.33 0.28 4.90
C ASP A 262 19.62 -0.16 3.47
N VAL A 263 19.37 0.71 2.50
CA VAL A 263 19.50 0.34 1.10
C VAL A 263 20.98 0.22 0.67
N GLY A 264 21.87 0.76 1.51
CA GLY A 264 23.29 0.74 1.22
C GLY A 264 23.85 2.13 1.12
N GLU A 265 24.96 2.23 0.42
CA GLU A 265 25.73 3.47 0.31
C GLU A 265 24.85 4.56 -0.28
N ARG A 266 24.77 5.69 0.41
CA ARG A 266 23.85 6.74 -0.05
C ARG A 266 24.16 7.17 -1.49
N GLY A 267 25.42 7.09 -1.89
CA GLY A 267 25.83 7.53 -3.21
C GLY A 267 25.26 6.64 -4.30
N ARG A 268 25.08 5.35 -3.98
CA ARG A 268 24.60 4.42 -4.97
C ARG A 268 23.12 4.64 -5.16
N LEU A 269 22.42 4.95 -4.07
CA LEU A 269 20.99 5.23 -4.14
C LEU A 269 20.75 6.52 -4.92
N GLU A 270 21.56 7.55 -4.61
CA GLU A 270 21.48 8.84 -5.31
C GLU A 270 21.74 8.69 -6.81
N ALA A 271 22.73 7.90 -7.17
CA ALA A 271 23.06 7.67 -8.58
C ALA A 271 21.95 6.99 -9.35
N ARG A 272 21.28 6.02 -8.71
CA ARG A 272 20.17 5.35 -9.35
C ARG A 272 19.01 6.35 -9.50
N ILE A 273 18.76 7.13 -8.46
CA ILE A 273 17.69 8.13 -8.51
C ILE A 273 18.00 9.18 -9.57
N ASP A 274 19.24 9.61 -9.62
CA ASP A 274 19.67 10.54 -10.66
C ASP A 274 19.34 9.99 -12.06
N LYS A 275 19.71 8.73 -12.30
CA LYS A 275 19.56 8.13 -13.61
C LYS A 275 18.09 8.01 -13.97
N VAL A 276 17.31 7.49 -13.02
CA VAL A 276 15.93 7.14 -13.27
C VAL A 276 15.01 8.36 -13.22
N CYS A 277 15.19 9.23 -12.21
CA CYS A 277 14.26 10.31 -11.93
C CYS A 277 14.61 11.63 -12.59
N PHE A 278 15.88 11.81 -12.95
CA PHE A 278 16.36 13.03 -13.56
C PHE A 278 16.88 12.73 -14.96
#